data_5U85
#
_entry.id   5U85
#
_cell.length_a   41.650
_cell.length_b   43.163
_cell.length_c   88.822
_cell.angle_alpha   90.00
_cell.angle_beta   90.00
_cell.angle_gamma   90.00
#
_symmetry.space_group_name_H-M   'P 21 21 21'
#
loop_
_entity.id
_entity.type
_entity.pdbx_description
1 polymer Saposin-D
2 water water
#
_entity_poly.entity_id   1
_entity_poly.type   'polypeptide(L)'
_entity_poly.pdbx_seq_one_letter_code
;SNGGFCEVCKKLVLYLEHNLEKNSTKEEILAALEKGCSFLPDPYQKQCDDFVAEYEPLLLEILVEVMDPGFVCSKIGVCP
SAY
;
_entity_poly.pdbx_strand_id   A,B
#
# COMPACT_ATOMS: atom_id res chain seq x y z
N GLY A 4 8.95 -15.08 -18.02
CA GLY A 4 7.51 -14.93 -17.95
C GLY A 4 7.09 -13.51 -17.62
N PHE A 5 6.55 -13.30 -16.41
CA PHE A 5 6.07 -12.01 -15.98
C PHE A 5 7.12 -11.17 -15.26
N CYS A 6 8.36 -11.64 -15.17
CA CYS A 6 9.33 -10.96 -14.31
C CYS A 6 9.56 -9.52 -14.77
N GLU A 7 9.72 -9.31 -16.07
CA GLU A 7 10.07 -7.97 -16.55
C GLU A 7 8.90 -7.00 -16.39
N VAL A 8 7.67 -7.41 -16.73
CA VAL A 8 6.56 -6.48 -16.57
C VAL A 8 6.24 -6.26 -15.10
N CYS A 9 6.45 -7.27 -14.25
CA CYS A 9 6.25 -7.05 -12.82
C CYS A 9 7.14 -5.92 -12.31
N LYS A 10 8.42 -5.93 -12.67
CA LYS A 10 9.32 -4.90 -12.19
C LYS A 10 8.95 -3.53 -12.74
N LYS A 11 8.47 -3.48 -13.99
CA LYS A 11 8.01 -2.21 -14.55
C LYS A 11 6.80 -1.69 -13.79
N LEU A 12 5.85 -2.57 -13.46
CA LEU A 12 4.64 -2.13 -12.77
C LEU A 12 4.94 -1.70 -11.34
N VAL A 13 5.81 -2.43 -10.64
CA VAL A 13 6.14 -2.05 -9.27
C VAL A 13 6.91 -0.74 -9.25
N LEU A 14 7.76 -0.50 -10.24
CA LEU A 14 8.42 0.80 -10.36
C LEU A 14 7.38 1.90 -10.50
N TYR A 15 6.37 1.68 -11.35
CA TYR A 15 5.28 2.64 -11.48
C TYR A 15 4.61 2.89 -10.13
N LEU A 16 4.30 1.82 -9.40
CA LEU A 16 3.59 1.98 -8.13
C LEU A 16 4.46 2.70 -7.11
N GLU A 17 5.75 2.38 -7.08
CA GLU A 17 6.68 3.05 -6.19
CA GLU A 17 6.68 3.05 -6.19
C GLU A 17 6.65 4.56 -6.41
N HIS A 18 6.74 4.99 -7.67
CA HIS A 18 6.74 6.42 -7.97
C HIS A 18 5.34 7.03 -7.84
N ASN A 19 4.30 6.23 -8.07
CA ASN A 19 2.95 6.74 -7.90
C ASN A 19 2.68 7.12 -6.44
N LEU A 20 3.32 6.44 -5.49
CA LEU A 20 3.15 6.79 -4.09
C LEU A 20 3.70 8.18 -3.79
N GLU A 21 4.61 8.69 -4.63
CA GLU A 21 5.23 9.99 -4.45
C GLU A 21 4.44 11.13 -5.08
N LYS A 22 3.39 10.84 -5.85
CA LYS A 22 2.54 11.89 -6.39
C LYS A 22 1.81 12.61 -5.26
N ASN A 23 1.60 13.92 -5.42
CA ASN A 23 0.87 14.65 -4.39
C ASN A 23 -0.55 14.11 -4.25
N SER A 24 -1.21 13.80 -5.36
CA SER A 24 -2.57 13.27 -5.28
C SER A 24 -2.62 11.99 -4.47
N THR A 25 -1.63 11.10 -4.68
CA THR A 25 -1.61 9.84 -3.95
C THR A 25 -1.30 10.07 -2.47
N LYS A 26 -0.34 10.96 -2.18
CA LYS A 26 -0.05 11.29 -0.78
C LYS A 26 -1.28 11.83 -0.07
N GLU A 27 -2.07 12.65 -0.76
CA GLU A 27 -3.28 13.19 -0.15
C GLU A 27 -4.33 12.10 0.05
N GLU A 28 -4.44 11.16 -0.90
CA GLU A 28 -5.39 10.07 -0.76
C GLU A 28 -5.05 9.19 0.43
N ILE A 29 -3.78 8.86 0.61
CA ILE A 29 -3.38 8.01 1.74
C ILE A 29 -3.62 8.72 3.05
N LEU A 30 -3.23 9.99 3.14
CA LEU A 30 -3.48 10.77 4.36
C LEU A 30 -4.97 10.82 4.67
N ALA A 31 -5.80 11.07 3.65
CA ALA A 31 -7.23 11.16 3.87
C ALA A 31 -7.81 9.82 4.33
N ALA A 32 -7.26 8.71 3.83
CA ALA A 32 -7.73 7.39 4.26
C ALA A 32 -7.43 7.16 5.73
N LEU A 33 -6.25 7.58 6.20
CA LEU A 33 -5.92 7.43 7.61
C LEU A 33 -6.80 8.33 8.47
N GLU A 34 -7.03 9.57 8.02
CA GLU A 34 -7.88 10.48 8.77
C GLU A 34 -9.32 9.98 8.83
N LYS A 35 -9.78 9.28 7.78
CA LYS A 35 -11.11 8.70 7.83
C LYS A 35 -11.20 7.60 8.88
N GLY A 36 -10.15 6.79 9.00
CA GLY A 36 -10.10 5.81 10.07
C GLY A 36 -10.28 6.43 11.44
N CYS A 37 -9.56 7.53 11.70
CA CYS A 37 -9.69 8.22 12.98
C CYS A 37 -11.11 8.72 13.22
N SER A 38 -11.84 9.06 12.14
CA SER A 38 -13.13 9.71 12.28
C SER A 38 -14.19 8.79 12.87
N PHE A 39 -13.95 7.48 12.88
CA PHE A 39 -14.90 6.54 13.48
C PHE A 39 -14.83 6.53 15.00
N LEU A 40 -13.79 7.11 15.59
CA LEU A 40 -13.61 7.08 17.04
C LEU A 40 -14.41 8.21 17.68
N PRO A 41 -14.98 7.99 18.86
CA PRO A 41 -15.57 9.09 19.62
C PRO A 41 -14.48 9.91 20.30
N ASP A 42 -14.89 11.06 20.81
CA ASP A 42 -14.03 11.93 21.59
C ASP A 42 -13.76 11.23 22.92
N PRO A 43 -12.55 11.41 23.46
CA PRO A 43 -11.43 12.20 22.96
C PRO A 43 -10.50 11.42 22.04
N TYR A 44 -10.91 10.21 21.65
CA TYR A 44 -10.01 9.31 20.95
C TYR A 44 -9.78 9.71 19.50
N GLN A 45 -10.76 10.35 18.86
CA GLN A 45 -10.54 10.83 17.50
C GLN A 45 -9.39 11.83 17.46
N LYS A 46 -9.35 12.77 18.43
CA LYS A 46 -8.28 13.76 18.44
C LYS A 46 -6.93 13.11 18.66
N GLN A 47 -6.84 12.13 19.57
CA GLN A 47 -5.58 11.42 19.78
C GLN A 47 -5.13 10.75 18.49
N CYS A 48 -6.05 10.08 17.80
CA CYS A 48 -5.73 9.45 16.53
C CYS A 48 -5.28 10.50 15.50
N ASP A 49 -6.00 11.62 15.41
CA ASP A 49 -5.60 12.69 14.50
C ASP A 49 -4.20 13.20 14.84
N ASP A 50 -3.90 13.31 16.13
CA ASP A 50 -2.56 13.77 16.52
C ASP A 50 -1.49 12.79 16.08
N PHE A 51 -1.74 11.49 16.24
CA PHE A 51 -0.78 10.49 15.76
C PHE A 51 -0.55 10.64 14.26
N VAL A 52 -1.63 10.74 13.48
CA VAL A 52 -1.51 10.83 12.04
C VAL A 52 -0.73 12.08 11.65
N ALA A 53 -1.00 13.20 12.32
CA ALA A 53 -0.33 14.45 11.97
C ALA A 53 1.17 14.34 12.20
N GLU A 54 1.59 13.61 13.23
CA GLU A 54 3.02 13.51 13.54
C GLU A 54 3.72 12.44 12.71
N TYR A 55 3.06 11.31 12.45
CA TYR A 55 3.75 10.11 11.99
C TYR A 55 3.42 9.65 10.58
N GLU A 56 2.40 10.22 9.93
CA GLU A 56 1.99 9.68 8.64
C GLU A 56 3.10 9.71 7.60
N PRO A 57 3.94 10.74 7.51
CA PRO A 57 5.05 10.67 6.54
C PRO A 57 6.01 9.52 6.80
N LEU A 58 6.23 9.14 8.05
CA LEU A 58 7.06 7.96 8.32
C LEU A 58 6.36 6.68 7.87
N LEU A 59 5.04 6.62 8.04
CA LEU A 59 4.29 5.48 7.54
C LEU A 59 4.36 5.40 6.02
N LEU A 60 4.20 6.53 5.34
CA LEU A 60 4.32 6.55 3.89
C LEU A 60 5.69 6.06 3.44
N GLU A 61 6.75 6.49 4.15
CA GLU A 61 8.09 6.06 3.79
C GLU A 61 8.22 4.55 3.86
N ILE A 62 7.64 3.93 4.90
CA ILE A 62 7.72 2.48 5.02
C ILE A 62 7.04 1.81 3.84
N LEU A 63 5.88 2.32 3.43
CA LEU A 63 5.18 1.74 2.28
C LEU A 63 6.00 1.87 1.01
N VAL A 64 6.64 3.03 0.80
CA VAL A 64 7.50 3.20 -0.36
C VAL A 64 8.64 2.20 -0.32
N GLU A 65 9.24 1.99 0.85
CA GLU A 65 10.36 1.06 0.97
C GLU A 65 9.94 -0.37 0.62
N VAL A 66 8.72 -0.77 0.99
CA VAL A 66 8.24 -2.10 0.66
C VAL A 66 8.04 -2.24 -0.85
N MET A 67 7.65 -1.15 -1.52
CA MET A 67 7.34 -1.18 -2.94
C MET A 67 8.60 -1.16 -3.79
N ASP A 68 9.52 -2.08 -3.53
CA ASP A 68 10.75 -2.19 -4.30
C ASP A 68 10.58 -3.25 -5.38
N PRO A 69 10.80 -2.93 -6.66
CA PRO A 69 10.52 -3.92 -7.72
C PRO A 69 11.16 -5.29 -7.49
N GLY A 70 12.45 -5.34 -7.17
CA GLY A 70 13.10 -6.63 -6.98
C GLY A 70 12.50 -7.40 -5.81
N PHE A 71 12.21 -6.72 -4.71
CA PHE A 71 11.64 -7.37 -3.54
C PHE A 71 10.26 -7.95 -3.83
N VAL A 72 9.35 -7.10 -4.33
CA VAL A 72 7.97 -7.52 -4.54
C VAL A 72 7.90 -8.67 -5.54
N CYS A 73 8.61 -8.52 -6.66
CA CYS A 73 8.44 -9.47 -7.75
C CYS A 73 9.07 -10.82 -7.44
N SER A 74 10.07 -10.85 -6.56
CA SER A 74 10.59 -12.14 -6.09
C SER A 74 9.72 -12.74 -4.99
N LYS A 75 9.08 -11.89 -4.17
CA LYS A 75 8.21 -12.42 -3.12
C LYS A 75 6.99 -13.13 -3.71
N ILE A 76 6.44 -12.64 -4.83
CA ILE A 76 5.31 -13.30 -5.46
C ILE A 76 5.75 -14.41 -6.40
N GLY A 77 7.04 -14.60 -6.60
CA GLY A 77 7.55 -15.77 -7.28
C GLY A 77 7.76 -15.64 -8.78
N VAL A 78 7.66 -14.45 -9.34
CA VAL A 78 7.82 -14.28 -10.79
C VAL A 78 9.26 -13.88 -11.17
N CYS A 79 10.05 -13.36 -10.24
CA CYS A 79 11.43 -12.99 -10.51
C CYS A 79 12.38 -13.77 -9.60
N PRO A 80 13.63 -13.93 -10.01
CA PRO A 80 14.65 -14.42 -9.08
C PRO A 80 15.03 -13.34 -8.08
N SER A 81 15.85 -13.72 -7.11
CA SER A 81 16.24 -12.82 -6.03
C SER A 81 17.24 -11.76 -6.51
N GLY B 4 1.75 5.27 24.31
CA GLY B 4 0.63 6.15 24.09
C GLY B 4 -0.09 5.91 22.77
N PHE B 5 0.66 6.02 21.68
CA PHE B 5 0.14 5.85 20.32
C PHE B 5 0.18 4.40 19.84
N CYS B 6 0.72 3.48 20.64
CA CYS B 6 0.96 2.14 20.13
C CYS B 6 -0.33 1.49 19.64
N GLU B 7 -1.39 1.55 20.46
CA GLU B 7 -2.61 0.83 20.12
CA GLU B 7 -2.63 0.85 20.13
C GLU B 7 -3.36 1.50 18.96
N VAL B 8 -3.30 2.84 18.86
CA VAL B 8 -4.02 3.48 17.75
C VAL B 8 -3.28 3.26 16.45
N CYS B 9 -1.95 3.22 16.49
CA CYS B 9 -1.17 2.92 15.29
C CYS B 9 -1.54 1.55 14.72
N LYS B 10 -1.59 0.53 15.58
CA LYS B 10 -1.91 -0.82 15.13
CA LYS B 10 -1.91 -0.82 15.13
C LYS B 10 -3.34 -0.89 14.60
N LYS B 11 -4.28 -0.22 15.27
CA LYS B 11 -5.66 -0.18 14.79
C LYS B 11 -5.74 0.49 13.42
N LEU B 12 -4.96 1.55 13.21
CA LEU B 12 -5.01 2.26 11.94
C LEU B 12 -4.45 1.40 10.81
N VAL B 13 -3.34 0.70 11.04
CA VAL B 13 -2.80 -0.18 10.01
C VAL B 13 -3.80 -1.28 9.68
N LEU B 14 -4.43 -1.85 10.71
CA LEU B 14 -5.45 -2.87 10.47
C LEU B 14 -6.65 -2.27 9.72
N TYR B 15 -7.07 -1.06 10.10
CA TYR B 15 -8.18 -0.42 9.40
C TYR B 15 -7.90 -0.33 7.90
N LEU B 16 -6.70 0.15 7.54
CA LEU B 16 -6.38 0.29 6.12
C LEU B 16 -6.36 -1.06 5.43
N GLU B 17 -5.89 -2.09 6.12
CA GLU B 17 -5.76 -3.40 5.48
C GLU B 17 -7.12 -4.07 5.34
N HIS B 18 -8.00 -3.94 6.34
CA HIS B 18 -9.36 -4.46 6.18
C HIS B 18 -10.14 -3.69 5.13
N ASN B 19 -9.82 -2.41 4.92
CA ASN B 19 -10.56 -1.62 3.96
C ASN B 19 -10.30 -2.05 2.53
N LEU B 20 -9.31 -2.93 2.31
CA LEU B 20 -9.14 -3.56 1.00
C LEU B 20 -10.36 -4.40 0.61
N GLU B 21 -11.19 -4.77 1.58
CA GLU B 21 -12.41 -5.52 1.28
C GLU B 21 -13.52 -4.66 0.71
N LYS B 22 -13.41 -3.34 0.86
CA LYS B 22 -14.46 -2.45 0.40
C LYS B 22 -14.44 -2.36 -1.12
N ASN B 23 -15.63 -2.40 -1.71
CA ASN B 23 -15.74 -2.45 -3.16
C ASN B 23 -15.01 -1.28 -3.82
N SER B 24 -15.21 -0.07 -3.31
CA SER B 24 -14.57 1.09 -3.90
C SER B 24 -13.05 0.98 -3.86
N THR B 25 -12.51 0.39 -2.79
CA THR B 25 -11.07 0.20 -2.70
C THR B 25 -10.57 -0.80 -3.72
N LYS B 26 -11.30 -1.89 -3.92
CA LYS B 26 -10.92 -2.87 -4.94
C LYS B 26 -10.90 -2.22 -6.32
N GLU B 27 -11.93 -1.43 -6.64
CA GLU B 27 -11.95 -0.74 -7.93
C GLU B 27 -10.75 0.18 -8.08
N GLU B 28 -10.42 0.93 -7.02
CA GLU B 28 -9.32 1.89 -7.10
C GLU B 28 -7.98 1.19 -7.29
N ILE B 29 -7.76 0.07 -6.59
CA ILE B 29 -6.49 -0.65 -6.73
C ILE B 29 -6.36 -1.18 -8.15
N LEU B 30 -7.41 -1.79 -8.68
CA LEU B 30 -7.33 -2.34 -10.03
C LEU B 30 -7.13 -1.24 -11.06
N ALA B 31 -7.77 -0.08 -10.85
CA ALA B 31 -7.58 1.05 -11.76
C ALA B 31 -6.14 1.53 -11.72
N ALA B 32 -5.53 1.58 -10.54
CA ALA B 32 -4.15 2.04 -10.44
C ALA B 32 -3.20 1.06 -11.12
N LEU B 33 -3.47 -0.23 -10.99
CA LEU B 33 -2.63 -1.23 -11.65
C LEU B 33 -2.79 -1.15 -13.17
N GLU B 34 -4.03 -1.01 -13.65
CA GLU B 34 -4.24 -0.87 -15.09
CA GLU B 34 -4.24 -0.87 -15.08
C GLU B 34 -3.59 0.39 -15.63
N LYS B 35 -3.63 1.48 -14.85
CA LYS B 35 -2.99 2.72 -15.30
CA LYS B 35 -2.99 2.72 -15.30
C LYS B 35 -1.49 2.52 -15.47
N GLY B 36 -0.84 1.83 -14.52
CA GLY B 36 0.59 1.60 -14.65
C GLY B 36 0.92 0.82 -15.91
N CYS B 37 0.15 -0.23 -16.20
CA CYS B 37 0.37 -1.01 -17.41
C CYS B 37 0.16 -0.18 -18.67
N SER B 38 -0.69 0.85 -18.60
CA SER B 38 -1.08 1.58 -19.81
C SER B 38 0.05 2.40 -20.40
N PHE B 39 1.10 2.69 -19.64
CA PHE B 39 2.21 3.47 -20.16
C PHE B 39 3.28 2.61 -20.81
N LEU B 40 3.08 1.28 -20.86
CA LEU B 40 4.00 0.39 -21.54
C LEU B 40 3.60 0.21 -23.00
N PRO B 41 4.57 0.01 -23.90
CA PRO B 41 4.23 -0.28 -25.30
C PRO B 41 3.77 -1.72 -25.47
N ASP B 42 3.15 -1.97 -26.62
CA ASP B 42 2.86 -3.35 -27.00
C ASP B 42 4.19 -4.07 -27.22
N PRO B 43 4.27 -5.36 -26.88
CA PRO B 43 3.23 -6.21 -26.30
C PRO B 43 3.27 -6.22 -24.77
N TYR B 44 4.03 -5.29 -24.17
CA TYR B 44 4.22 -5.32 -22.73
C TYR B 44 2.97 -4.86 -21.97
N GLN B 45 2.20 -3.92 -22.54
CA GLN B 45 0.96 -3.52 -21.89
C GLN B 45 0.04 -4.71 -21.69
N LYS B 46 -0.16 -5.49 -22.74
CA LYS B 46 -1.02 -6.67 -22.64
C LYS B 46 -0.45 -7.68 -21.66
N GLN B 47 0.86 -7.90 -21.71
CA GLN B 47 1.49 -8.83 -20.76
C GLN B 47 1.33 -8.32 -19.34
N CYS B 48 1.41 -7.01 -19.15
CA CYS B 48 1.22 -6.42 -17.83
C CYS B 48 -0.22 -6.57 -17.35
N ASP B 49 -1.19 -6.35 -18.24
CA ASP B 49 -2.58 -6.59 -17.89
C ASP B 49 -2.80 -8.06 -17.51
N ASP B 50 -2.21 -8.99 -18.26
CA ASP B 50 -2.34 -10.40 -17.92
C ASP B 50 -1.75 -10.68 -16.54
N PHE B 51 -0.59 -10.10 -16.25
CA PHE B 51 0.04 -10.27 -14.95
C PHE B 51 -0.89 -9.78 -13.84
N VAL B 52 -1.46 -8.60 -14.01
CA VAL B 52 -2.37 -8.05 -13.00
C VAL B 52 -3.55 -9.00 -12.79
N ALA B 53 -4.14 -9.50 -13.87
CA ALA B 53 -5.29 -10.37 -13.74
C ALA B 53 -4.98 -11.61 -12.92
N GLU B 54 -3.75 -12.12 -13.00
CA GLU B 54 -3.37 -13.31 -12.26
C GLU B 54 -2.86 -13.02 -10.86
N TYR B 55 -2.18 -11.89 -10.67
CA TYR B 55 -1.35 -11.69 -9.48
C TYR B 55 -1.80 -10.57 -8.57
N GLU B 56 -2.84 -9.81 -8.93
CA GLU B 56 -3.31 -8.76 -8.03
C GLU B 56 -3.66 -9.30 -6.65
N PRO B 57 -4.32 -10.45 -6.51
CA PRO B 57 -4.58 -10.96 -5.15
C PRO B 57 -3.30 -11.25 -4.37
N LEU B 58 -2.35 -11.97 -4.96
CA LEU B 58 -1.13 -12.29 -4.24
C LEU B 58 -0.32 -11.04 -3.91
N LEU B 59 -0.33 -10.06 -4.82
CA LEU B 59 0.33 -8.79 -4.54
CA LEU B 59 0.33 -8.79 -4.54
C LEU B 59 -0.20 -8.17 -3.26
N LEU B 60 -1.53 -8.07 -3.14
CA LEU B 60 -2.13 -7.49 -1.95
C LEU B 60 -1.86 -8.35 -0.72
N GLU B 61 -1.93 -9.67 -0.86
CA GLU B 61 -1.66 -10.56 0.28
C GLU B 61 -0.24 -10.37 0.79
N ILE B 62 0.72 -10.26 -0.12
CA ILE B 62 2.12 -10.08 0.28
C ILE B 62 2.32 -8.72 0.94
N LEU B 63 1.68 -7.67 0.39
CA LEU B 63 1.81 -6.34 0.96
CA LEU B 63 1.84 -6.35 0.98
C LEU B 63 1.28 -6.31 2.40
N VAL B 64 0.11 -6.91 2.62
CA VAL B 64 -0.46 -6.96 3.97
C VAL B 64 0.43 -7.76 4.90
N GLU B 65 0.97 -8.86 4.38
CA GLU B 65 1.87 -9.71 5.15
C GLU B 65 3.08 -8.92 5.65
N VAL B 66 3.71 -8.16 4.76
CA VAL B 66 4.88 -7.38 5.12
C VAL B 66 4.49 -6.25 6.07
N MET B 67 3.35 -5.60 5.81
CA MET B 67 2.93 -4.48 6.63
C MET B 67 2.16 -4.96 7.86
N ASP B 68 2.77 -5.87 8.61
CA ASP B 68 2.18 -6.31 9.87
C ASP B 68 2.05 -5.13 10.82
N PRO B 69 0.89 -4.95 11.49
CA PRO B 69 0.72 -3.77 12.35
C PRO B 69 1.79 -3.64 13.42
N GLY B 70 2.13 -4.72 14.12
CA GLY B 70 3.15 -4.62 15.15
C GLY B 70 4.51 -4.25 14.59
N PHE B 71 4.87 -4.84 13.44
CA PHE B 71 6.15 -4.52 12.80
C PHE B 71 6.19 -3.06 12.39
N VAL B 72 5.14 -2.60 11.69
CA VAL B 72 5.11 -1.22 11.20
C VAL B 72 5.18 -0.24 12.35
N CYS B 73 4.39 -0.48 13.40
CA CYS B 73 4.26 0.48 14.47
C CYS B 73 5.47 0.47 15.41
N SER B 74 6.16 -0.66 15.52
CA SER B 74 7.44 -0.66 16.23
C SER B 74 8.52 0.00 15.39
N LYS B 75 8.44 -0.13 14.07
CA LYS B 75 9.45 0.46 13.20
C LYS B 75 9.47 1.98 13.33
N ILE B 76 8.30 2.62 13.44
CA ILE B 76 8.25 4.06 13.66
C ILE B 76 8.39 4.42 15.14
N GLY B 77 8.52 3.43 16.03
CA GLY B 77 8.91 3.68 17.39
C GLY B 77 7.78 4.01 18.36
N VAL B 78 6.53 3.71 18.03
CA VAL B 78 5.43 3.94 18.95
C VAL B 78 5.00 2.67 19.67
N CYS B 79 5.48 1.50 19.27
CA CYS B 79 5.19 0.24 19.91
C CYS B 79 6.49 -0.47 20.25
N PRO B 80 6.48 -1.37 21.26
CA PRO B 80 7.64 -2.25 21.41
C PRO B 80 7.79 -3.19 20.22
#